data_6BKI
#
_entry.id   6BKI
#
_cell.length_a   105.220
_cell.length_b   105.220
_cell.length_c   41.811
_cell.angle_alpha   90.00
_cell.angle_beta   90.00
_cell.angle_gamma   90.00
#
_symmetry.space_group_name_H-M   'P 41'
#
loop_
_entity.id
_entity.type
_entity.pdbx_description
1 polymer 'Cathepsin K'
2 non-polymer 'SULFATE ION'
3 water water
#
_entity_poly.entity_id   1
_entity_poly.type   'polypeptide(L)'
_entity_poly.pdbx_seq_one_letter_code
;VPDSIDYRKKGYVTPVKNQGQCGSCWAFSSAGALEGQLKKKTGKLLALSPQNLVDCVTENYGCGGGYMTTAFQYVQQNGG
IDSEDAYPYVGQDESCMYNAAAKAAKCRGYREIPVGNEKALKRAVARVGPISVSIDASLASFQFYSRGVYYDENCDRDNV
NHAVLVVGYGTQKGSKHWIIKNSWGESWGNKGYALLARNKNNACGITNMASFPKM
;
_entity_poly.pdbx_strand_id   A,B
#
# COMPACT_ATOMS: atom_id res chain seq x y z
N VAL A 1 24.01 -9.56 -2.43
CA VAL A 1 23.07 -8.55 -1.92
C VAL A 1 21.88 -8.50 -2.86
N PRO A 2 20.69 -8.68 -2.30
CA PRO A 2 19.49 -8.86 -3.12
C PRO A 2 19.04 -7.54 -3.72
N ASP A 3 18.15 -7.64 -4.70
CA ASP A 3 17.60 -6.43 -5.28
C ASP A 3 16.53 -5.83 -4.37
N SER A 4 15.93 -6.67 -3.53
CA SER A 4 14.81 -6.24 -2.70
C SER A 4 14.86 -6.99 -1.39
N ILE A 5 14.56 -6.26 -0.32
CA ILE A 5 14.46 -6.87 0.99
C ILE A 5 13.41 -6.09 1.77
N ASP A 6 12.79 -6.76 2.74
CA ASP A 6 11.62 -6.19 3.42
C ASP A 6 11.53 -6.88 4.79
N TYR A 7 12.19 -6.28 5.79
CA TYR A 7 12.32 -6.94 7.08
C TYR A 7 11.01 -7.11 7.81
N ARG A 8 9.94 -6.44 7.38
CA ARG A 8 8.61 -6.76 7.88
C ARG A 8 8.29 -8.24 7.64
N LYS A 9 8.52 -8.71 6.41
CA LYS A 9 8.28 -10.08 6.00
C LYS A 9 9.24 -11.06 6.64
N LYS A 10 10.26 -10.59 7.33
CA LYS A 10 11.18 -11.48 8.03
C LYS A 10 11.01 -11.39 9.54
N GLY A 11 9.89 -10.87 10.00
CA GLY A 11 9.62 -10.83 11.43
C GLY A 11 10.49 -9.91 12.24
N TYR A 12 11.19 -8.98 11.60
CA TYR A 12 12.09 -8.07 12.31
C TYR A 12 11.40 -6.80 12.81
N VAL A 13 10.14 -6.54 12.43
CA VAL A 13 9.52 -5.23 12.57
C VAL A 13 8.27 -5.34 13.45
N THR A 14 8.27 -4.59 14.55
CA THR A 14 7.12 -4.51 15.46
C THR A 14 6.00 -3.70 14.82
N PRO A 15 4.81 -3.71 15.41
CA PRO A 15 3.75 -2.84 14.90
C PRO A 15 4.09 -1.37 14.98
N VAL A 16 3.38 -0.58 14.16
CA VAL A 16 3.57 0.87 14.06
C VAL A 16 2.88 1.56 15.22
N LYS A 17 3.60 2.45 15.88
CA LYS A 17 3.13 3.21 17.03
C LYS A 17 2.89 4.68 16.65
N ASN A 18 2.28 5.44 17.57
CA ASN A 18 2.03 6.87 17.39
C ASN A 18 2.78 7.61 18.48
N GLN A 19 3.66 8.53 18.08
CA GLN A 19 4.40 9.30 19.08
C GLN A 19 3.51 10.34 19.74
N GLY A 20 2.60 10.94 18.97
CA GLY A 20 1.64 11.89 19.50
C GLY A 20 2.19 13.30 19.50
N GLN A 21 1.91 14.08 20.54
CA GLN A 21 2.43 15.45 20.60
C GLN A 21 3.91 15.49 20.97
N CYS A 22 4.56 14.33 21.08
CA CYS A 22 5.90 14.19 21.62
C CYS A 22 6.91 14.02 20.48
N GLY A 23 8.01 14.76 20.54
CA GLY A 23 9.01 14.70 19.47
C GLY A 23 9.98 13.55 19.64
N SER A 24 9.46 12.35 19.91
CA SER A 24 10.28 11.19 20.23
C SER A 24 10.49 10.25 19.05
N CYS A 25 10.54 10.79 17.83
CA CYS A 25 10.85 9.98 16.67
C CYS A 25 12.18 9.25 16.83
N TRP A 26 13.18 9.95 17.37
CA TRP A 26 14.50 9.37 17.62
C TRP A 26 14.42 8.15 18.54
N ALA A 27 13.46 8.13 19.47
CA ALA A 27 13.34 7.00 20.38
C ALA A 27 12.78 5.77 19.69
N PHE A 28 11.65 5.95 19.00
CA PHE A 28 11.09 4.87 18.20
C PHE A 28 12.08 4.40 17.15
N SER A 29 12.87 5.30 16.60
CA SER A 29 13.82 4.89 15.59
C SER A 29 14.96 4.07 16.18
N SER A 30 15.37 4.39 17.42
CA SER A 30 16.39 3.60 18.09
C SER A 30 15.82 2.26 18.53
N ALA A 31 14.67 2.30 19.20
CA ALA A 31 14.06 1.08 19.71
C ALA A 31 13.77 0.10 18.57
N GLY A 32 13.29 0.60 17.43
CA GLY A 32 13.09 -0.27 16.29
C GLY A 32 14.39 -0.86 15.76
N ALA A 33 15.47 -0.08 15.77
CA ALA A 33 16.73 -0.59 15.29
C ALA A 33 17.25 -1.67 16.23
N LEU A 34 17.19 -1.42 17.53
CA LEU A 34 17.51 -2.43 18.53
C LEU A 34 16.62 -3.64 18.38
N GLU A 35 15.36 -3.42 18.01
CA GLU A 35 14.46 -4.55 17.85
C GLU A 35 14.89 -5.41 16.67
N GLY A 36 15.28 -4.76 15.58
CA GLY A 36 15.73 -5.53 14.42
C GLY A 36 16.94 -6.35 14.75
N GLN A 37 17.85 -5.79 15.54
CA GLN A 37 19.06 -6.51 15.93
C GLN A 37 18.73 -7.62 16.92
N LEU A 38 18.01 -7.29 17.99
CA LEU A 38 17.63 -8.30 18.97
C LEU A 38 16.98 -9.49 18.29
N LYS A 39 16.17 -9.24 17.26
CA LYS A 39 15.60 -10.33 16.49
C LYS A 39 16.67 -11.06 15.68
N LYS A 40 17.64 -10.35 15.12
CA LYS A 40 18.70 -11.01 14.35
C LYS A 40 19.56 -11.94 15.21
N LYS A 41 19.83 -11.55 16.46
CA LYS A 41 20.75 -12.31 17.29
C LYS A 41 20.06 -13.32 18.19
N THR A 42 18.86 -13.04 18.68
CA THR A 42 18.16 -14.03 19.50
C THR A 42 17.05 -14.73 18.74
N GLY A 43 16.64 -14.22 17.59
CA GLY A 43 15.54 -14.83 16.84
C GLY A 43 14.16 -14.53 17.37
N LYS A 44 14.03 -13.72 18.42
CA LYS A 44 12.76 -13.41 19.02
C LYS A 44 12.51 -11.91 18.93
N LEU A 45 11.33 -11.53 18.45
CA LEU A 45 10.99 -10.14 18.22
C LEU A 45 10.13 -9.63 19.37
N LEU A 46 10.74 -8.84 20.24
CA LEU A 46 10.10 -8.30 21.43
C LEU A 46 10.06 -6.78 21.35
N ALA A 47 8.92 -6.19 21.68
CA ALA A 47 8.78 -4.74 21.63
C ALA A 47 9.61 -4.09 22.74
N LEU A 48 10.47 -3.15 22.37
CA LEU A 48 11.31 -2.46 23.33
C LEU A 48 10.68 -1.12 23.71
N SER A 49 11.34 -0.41 24.63
CA SER A 49 10.66 0.71 25.26
C SER A 49 11.25 2.03 24.77
N PRO A 50 10.58 2.75 23.87
CA PRO A 50 11.03 4.11 23.57
C PRO A 50 10.80 5.06 24.73
N GLN A 51 9.87 4.76 25.66
CA GLN A 51 9.68 5.66 26.79
C GLN A 51 10.89 5.63 27.69
N ASN A 52 11.54 4.46 27.80
CA ASN A 52 12.81 4.36 28.48
C ASN A 52 13.82 5.32 27.88
N LEU A 53 13.86 5.40 26.56
CA LEU A 53 14.80 6.30 25.90
C LEU A 53 14.50 7.76 26.21
N VAL A 54 13.24 8.18 26.16
CA VAL A 54 12.94 9.61 26.29
C VAL A 54 13.13 10.09 27.74
N ASP A 55 12.95 9.20 28.71
CA ASP A 55 13.13 9.60 30.10
C ASP A 55 14.61 9.69 30.45
N CYS A 56 15.37 8.63 30.10
CA CYS A 56 16.69 8.39 30.66
C CYS A 56 17.84 8.81 29.75
N VAL A 57 17.62 9.07 28.46
CA VAL A 57 18.75 9.51 27.64
C VAL A 57 18.93 11.01 27.89
N THR A 58 19.74 11.33 28.89
CA THR A 58 19.82 12.70 29.40
C THR A 58 20.65 13.61 28.51
N GLU A 59 21.40 13.06 27.56
CA GLU A 59 22.08 13.88 26.54
C GLU A 59 21.13 14.30 25.44
N ASN A 60 19.93 13.73 25.40
CA ASN A 60 18.85 14.14 24.51
C ASN A 60 17.87 15.01 25.29
N TYR A 61 16.77 15.40 24.62
CA TYR A 61 15.84 16.39 25.15
C TYR A 61 14.44 15.84 25.36
N GLY A 62 14.29 14.52 25.45
CA GLY A 62 12.98 13.94 25.67
C GLY A 62 12.04 14.26 24.53
N CYS A 63 10.85 14.72 24.88
CA CYS A 63 9.85 15.08 23.87
C CYS A 63 10.22 16.37 23.15
N GLY A 64 11.48 16.79 23.26
CA GLY A 64 12.03 17.84 22.43
C GLY A 64 12.98 17.38 21.35
N GLY A 65 13.13 16.08 21.14
CA GLY A 65 14.00 15.55 20.11
C GLY A 65 15.27 14.94 20.68
N GLY A 66 16.12 14.46 19.77
CA GLY A 66 17.42 13.98 20.16
C GLY A 66 18.08 13.20 19.03
N TYR A 67 19.22 12.59 19.38
CA TYR A 67 19.98 11.75 18.47
C TYR A 67 19.77 10.26 18.77
N MET A 68 19.89 9.45 17.72
CA MET A 68 19.72 8.01 17.89
C MET A 68 20.99 7.37 18.44
N THR A 69 22.16 7.76 17.91
CA THR A 69 23.45 7.38 18.50
C THR A 69 23.50 7.70 19.98
N THR A 70 22.94 8.84 20.38
CA THR A 70 22.92 9.19 21.79
C THR A 70 22.17 8.13 22.59
N ALA A 71 21.11 7.56 22.02
CA ALA A 71 20.37 6.52 22.70
C ALA A 71 21.06 5.16 22.64
N PHE A 72 21.72 4.83 21.52
CA PHE A 72 22.45 3.58 21.46
C PHE A 72 23.56 3.56 22.53
N GLN A 73 24.38 4.61 22.55
CA GLN A 73 25.41 4.72 23.57
C GLN A 73 24.80 4.62 24.96
N TYR A 74 23.61 5.17 25.16
CA TYR A 74 22.97 5.07 26.47
C TYR A 74 22.72 3.63 26.85
N VAL A 75 22.13 2.83 25.96
CA VAL A 75 21.79 1.47 26.37
C VAL A 75 23.06 0.64 26.51
N GLN A 76 24.11 0.99 25.76
CA GLN A 76 25.42 0.41 26.05
C GLN A 76 25.88 0.76 27.45
N GLN A 77 25.98 2.06 27.77
CA GLN A 77 26.49 2.50 29.06
C GLN A 77 25.60 2.06 30.22
N ASN A 78 24.31 1.90 29.99
CA ASN A 78 23.40 1.54 31.07
C ASN A 78 23.27 0.03 31.26
N GLY A 79 23.72 -0.75 30.29
CA GLY A 79 23.60 -2.19 30.36
C GLY A 79 22.23 -2.72 30.02
N GLY A 80 21.42 -1.96 29.31
CA GLY A 80 20.15 -2.50 28.88
C GLY A 80 19.07 -1.45 28.73
N ILE A 81 18.06 -1.82 27.93
CA ILE A 81 16.82 -1.07 27.73
C ILE A 81 15.66 -1.99 28.05
N ASP A 82 14.60 -1.43 28.63
CA ASP A 82 13.47 -2.24 29.04
C ASP A 82 12.55 -2.56 27.86
N SER A 83 11.68 -3.54 28.09
CA SER A 83 10.62 -3.86 27.13
C SER A 83 9.45 -2.90 27.30
N GLU A 84 8.72 -2.68 26.20
CA GLU A 84 7.58 -1.75 26.25
C GLU A 84 6.47 -2.25 27.17
N ASP A 85 6.48 -3.55 27.51
CA ASP A 85 5.55 -4.06 28.51
C ASP A 85 5.93 -3.56 29.89
N ALA A 86 7.21 -3.66 30.22
CA ALA A 86 7.64 -3.17 31.51
C ALA A 86 7.55 -1.66 31.59
N TYR A 87 7.80 -0.96 30.48
CA TYR A 87 8.01 0.48 30.48
C TYR A 87 7.20 1.10 29.36
N PRO A 88 5.89 1.24 29.55
CA PRO A 88 5.00 1.63 28.45
C PRO A 88 5.22 3.07 28.01
N TYR A 89 4.80 3.33 26.77
CA TYR A 89 4.88 4.67 26.21
C TYR A 89 3.70 5.52 26.66
N VAL A 90 3.99 6.74 27.11
CA VAL A 90 2.95 7.65 27.58
C VAL A 90 2.97 8.99 26.86
N GLY A 91 4.02 9.27 26.09
CA GLY A 91 4.06 10.48 25.29
C GLY A 91 4.42 11.74 26.03
N GLN A 92 4.96 11.65 27.25
CA GLN A 92 5.28 12.85 28.00
C GLN A 92 6.50 12.64 28.89
N ASP A 93 7.31 13.69 29.04
CA ASP A 93 8.55 13.60 29.83
C ASP A 93 8.27 13.23 31.27
N GLU A 94 9.18 12.44 31.85
CA GLU A 94 9.09 12.00 33.24
C GLU A 94 10.50 11.63 33.69
N SER A 95 10.64 11.29 34.96
CA SER A 95 11.94 10.88 35.50
C SER A 95 12.24 9.44 35.09
N CYS A 96 13.54 9.11 35.08
CA CYS A 96 13.95 7.77 34.71
C CYS A 96 13.34 6.74 35.67
N MET A 97 12.83 5.65 35.09
CA MET A 97 12.23 4.56 35.86
C MET A 97 12.71 3.20 35.36
N TYR A 98 13.93 3.17 34.81
CA TYR A 98 14.52 1.95 34.29
C TYR A 98 14.70 0.93 35.41
N ASN A 99 13.90 -0.12 35.38
CA ASN A 99 14.14 -1.31 36.20
C ASN A 99 15.13 -2.21 35.46
N ALA A 100 16.19 -2.64 36.15
CA ALA A 100 17.20 -3.48 35.51
C ALA A 100 16.75 -4.92 35.35
N ALA A 101 15.81 -5.39 36.19
CA ALA A 101 15.29 -6.74 36.05
C ALA A 101 14.48 -6.88 34.77
N ALA A 102 13.82 -5.79 34.36
CA ALA A 102 13.01 -5.68 33.15
C ALA A 102 13.84 -5.49 31.89
N LYS A 103 15.16 -5.60 32.02
CA LYS A 103 16.07 -5.46 30.89
C LYS A 103 15.78 -6.50 29.82
N ALA A 104 15.50 -6.03 28.59
CA ALA A 104 15.08 -6.88 27.48
C ALA A 104 16.06 -6.90 26.32
N ALA A 105 17.07 -6.02 26.31
CA ALA A 105 18.08 -6.00 25.26
C ALA A 105 19.27 -5.17 25.72
N LYS A 106 20.44 -5.54 25.22
CA LYS A 106 21.70 -4.87 25.50
C LYS A 106 22.29 -4.35 24.19
N CYS A 107 23.27 -3.47 24.31
CA CYS A 107 23.92 -2.91 23.14
C CYS A 107 25.42 -2.78 23.42
N ARG A 108 26.22 -2.96 22.37
CA ARG A 108 27.67 -2.91 22.47
C ARG A 108 28.26 -1.80 21.60
N GLY A 109 27.55 -0.69 21.45
CA GLY A 109 27.98 0.43 20.64
C GLY A 109 27.11 0.65 19.42
N TYR A 110 27.64 1.40 18.46
CA TYR A 110 26.91 1.70 17.24
C TYR A 110 27.89 1.98 16.11
N ARG A 111 27.38 1.89 14.90
CA ARG A 111 28.11 2.26 13.70
C ARG A 111 27.28 3.27 12.93
N GLU A 112 27.95 4.29 12.40
CA GLU A 112 27.31 5.28 11.54
C GLU A 112 27.64 4.97 10.08
N ILE A 113 26.80 5.47 9.19
CA ILE A 113 26.89 5.19 7.76
C ILE A 113 27.51 6.41 7.09
N PRO A 114 28.55 6.23 6.27
CA PRO A 114 29.08 7.34 5.47
C PRO A 114 28.01 8.28 4.95
N VAL A 115 28.18 9.59 5.20
CA VAL A 115 27.21 10.59 4.72
C VAL A 115 27.16 10.61 3.21
N GLY A 116 25.95 10.58 2.65
CA GLY A 116 25.77 10.63 1.23
C GLY A 116 25.78 9.28 0.55
N ASN A 117 26.49 8.30 1.09
CA ASN A 117 26.68 7.04 0.37
C ASN A 117 25.42 6.20 0.52
N GLU A 118 24.57 6.22 -0.51
CA GLU A 118 23.37 5.38 -0.48
C GLU A 118 23.71 3.91 -0.72
N LYS A 119 24.73 3.65 -1.54
CA LYS A 119 25.19 2.29 -1.73
C LYS A 119 25.60 1.67 -0.40
N ALA A 120 26.28 2.42 0.47
CA ALA A 120 26.62 1.91 1.79
C ALA A 120 25.37 1.61 2.60
N LEU A 121 24.40 2.52 2.56
CA LEU A 121 23.14 2.27 3.27
C LEU A 121 22.47 0.99 2.80
N LYS A 122 22.34 0.80 1.48
CA LYS A 122 21.67 -0.39 0.97
C LYS A 122 22.37 -1.64 1.49
N ARG A 123 23.70 -1.66 1.40
CA ARG A 123 24.48 -2.80 1.89
C ARG A 123 24.13 -3.07 3.34
N ALA A 124 24.24 -2.04 4.17
CA ALA A 124 23.92 -2.16 5.59
C ALA A 124 22.55 -2.73 5.90
N VAL A 125 21.53 -2.26 5.20
CA VAL A 125 20.18 -2.82 5.33
C VAL A 125 20.19 -4.29 4.97
N ALA A 126 20.82 -4.63 3.84
CA ALA A 126 20.85 -6.00 3.34
C ALA A 126 21.46 -6.97 4.36
N ARG A 127 22.61 -6.61 4.98
CA ARG A 127 23.36 -7.57 5.78
C ARG A 127 23.33 -7.32 7.29
N VAL A 128 22.80 -6.19 7.74
CA VAL A 128 22.58 -5.96 9.16
C VAL A 128 21.11 -6.05 9.52
N GLY A 129 20.26 -5.36 8.76
CA GLY A 129 18.85 -5.24 9.05
C GLY A 129 18.39 -3.80 9.15
N PRO A 130 17.25 -3.56 9.80
CA PRO A 130 16.71 -2.20 9.90
C PRO A 130 17.73 -1.19 10.42
N ILE A 131 17.75 -0.03 9.77
CA ILE A 131 18.71 1.02 10.06
C ILE A 131 17.96 2.28 10.47
N SER A 132 18.52 2.99 11.44
CA SER A 132 17.92 4.21 11.96
C SER A 132 18.43 5.42 11.17
N VAL A 133 17.52 6.19 10.57
CA VAL A 133 17.89 7.34 9.74
C VAL A 133 16.97 8.53 10.01
N SER A 134 17.38 9.69 9.52
CA SER A 134 16.64 10.90 9.80
C SER A 134 16.50 11.72 8.52
N ILE A 135 15.29 12.23 8.26
CA ILE A 135 14.96 12.92 7.01
C ILE A 135 14.35 14.28 7.27
N ASP A 136 14.13 15.00 6.17
CA ASP A 136 13.35 16.24 6.21
C ASP A 136 11.88 15.91 5.98
N ALA A 137 11.10 15.87 7.06
CA ALA A 137 9.68 15.55 6.99
C ALA A 137 8.80 16.80 7.10
N SER A 138 9.39 17.99 6.96
CA SER A 138 8.63 19.22 7.18
C SER A 138 7.61 19.47 6.08
N LEU A 139 7.88 19.03 4.85
CA LEU A 139 7.02 19.34 3.71
C LEU A 139 5.62 18.75 3.86
N ALA A 140 4.64 19.49 3.34
CA ALA A 140 3.24 19.07 3.34
C ALA A 140 3.04 17.81 2.50
N SER A 141 3.79 17.69 1.40
CA SER A 141 3.72 16.47 0.61
C SER A 141 4.13 15.25 1.40
N PHE A 142 4.94 15.40 2.46
CA PHE A 142 5.26 14.25 3.29
C PHE A 142 4.21 14.00 4.36
N GLN A 143 3.76 15.06 5.03
CA GLN A 143 2.73 14.91 6.06
C GLN A 143 1.43 14.33 5.51
N PHE A 144 1.19 14.45 4.20
CA PHE A 144 0.00 13.89 3.58
C PHE A 144 0.34 12.88 2.50
N TYR A 145 1.50 12.23 2.64
CA TYR A 145 1.85 11.03 1.87
C TYR A 145 0.82 9.93 2.12
N SER A 146 0.60 9.12 1.09
CA SER A 146 -0.27 7.94 1.21
C SER A 146 0.24 6.71 0.47
N ARG A 147 0.77 6.93 -0.71
CA ARG A 147 1.24 5.90 -1.54
C ARG A 147 2.22 6.27 -2.57
N GLY A 148 2.80 5.27 -3.22
CA GLY A 148 3.87 5.51 -4.17
C GLY A 148 5.24 5.81 -3.62
N VAL A 149 6.17 6.08 -4.52
CA VAL A 149 7.55 6.38 -4.13
C VAL A 149 7.68 7.89 -3.95
N TYR A 150 7.76 8.32 -2.69
CA TYR A 150 7.81 9.73 -2.37
C TYR A 150 9.08 10.39 -2.92
N TYR A 151 8.90 11.49 -3.64
CA TYR A 151 10.01 12.38 -4.00
C TYR A 151 9.44 13.78 -4.16
N ASP A 152 9.99 14.74 -3.40
CA ASP A 152 9.69 16.16 -3.54
C ASP A 152 11.00 16.94 -3.54
N GLU A 153 11.35 17.53 -4.68
CA GLU A 153 12.63 18.21 -4.85
C GLU A 153 12.89 19.28 -3.79
N ASN A 154 11.84 19.91 -3.26
CA ASN A 154 12.05 20.87 -2.18
C ASN A 154 12.50 20.20 -0.88
N CYS A 155 12.77 18.90 -0.92
CA CYS A 155 13.22 18.16 0.27
C CYS A 155 14.67 18.51 0.55
N ASP A 156 14.91 19.17 1.67
CA ASP A 156 16.23 19.57 2.12
C ASP A 156 17.15 18.37 2.27
N ARG A 157 18.03 18.14 1.30
CA ARG A 157 19.00 17.05 1.40
C ARG A 157 20.17 17.42 2.30
N ASP A 158 19.97 18.42 3.19
CA ASP A 158 21.07 18.99 3.96
C ASP A 158 20.72 19.14 5.43
N ASN A 159 19.52 19.61 5.73
CA ASN A 159 19.10 19.74 7.11
C ASN A 159 17.90 18.84 7.37
N VAL A 160 17.95 18.12 8.47
CA VAL A 160 17.14 16.92 8.64
C VAL A 160 16.50 16.97 10.03
N ASN A 161 15.20 16.68 10.10
CA ASN A 161 14.40 17.04 11.27
C ASN A 161 13.53 15.93 11.84
N HIS A 162 13.54 14.73 11.25
CA HIS A 162 12.64 13.67 11.71
C HIS A 162 13.33 12.32 11.59
N ALA A 163 13.16 11.46 12.60
CA ALA A 163 13.78 10.14 12.64
C ALA A 163 12.78 9.08 12.23
N VAL A 164 13.14 8.27 11.23
CA VAL A 164 12.36 7.11 10.83
C VAL A 164 13.26 5.87 10.86
N LEU A 165 12.72 4.73 10.49
CA LEU A 165 13.47 3.48 10.47
C LEU A 165 13.43 2.88 9.06
N VAL A 166 14.59 2.52 8.52
CA VAL A 166 14.66 1.87 7.22
C VAL A 166 14.48 0.38 7.44
N VAL A 167 13.45 -0.18 6.83
CA VAL A 167 13.17 -1.60 7.06
C VAL A 167 13.20 -2.33 5.73
N GLY A 168 13.92 -1.76 4.75
CA GLY A 168 14.16 -2.50 3.52
C GLY A 168 14.24 -1.57 2.33
N TYR A 169 14.30 -2.16 1.14
CA TYR A 169 14.36 -1.40 -0.09
C TYR A 169 13.75 -2.20 -1.22
N GLY A 170 13.66 -1.57 -2.40
CA GLY A 170 13.18 -2.25 -3.57
C GLY A 170 12.95 -1.32 -4.73
N THR A 171 12.09 -1.73 -5.68
CA THR A 171 11.72 -0.92 -6.82
C THR A 171 10.21 -1.03 -7.00
N GLN A 172 9.60 0.02 -7.56
CA GLN A 172 8.19 -0.09 -7.92
C GLN A 172 7.82 0.86 -9.06
N LYS A 173 7.20 0.30 -10.11
CA LYS A 173 7.02 0.97 -11.38
C LYS A 173 8.27 1.76 -11.75
N GLY A 174 9.42 1.06 -11.68
CA GLY A 174 10.69 1.57 -12.17
C GLY A 174 11.47 2.45 -11.21
N SER A 175 10.87 2.93 -10.13
CA SER A 175 11.57 3.82 -9.20
C SER A 175 12.14 3.02 -8.04
N LYS A 176 13.46 3.02 -7.91
CA LYS A 176 14.06 2.39 -6.75
C LYS A 176 13.70 3.17 -5.48
N HIS A 177 13.49 2.43 -4.37
CA HIS A 177 12.95 3.07 -3.17
C HIS A 177 13.53 2.48 -1.90
N TRP A 178 13.27 3.19 -0.80
CA TRP A 178 13.50 2.73 0.56
C TRP A 178 12.14 2.54 1.24
N ILE A 179 12.00 1.48 2.01
CA ILE A 179 10.82 1.27 2.84
C ILE A 179 11.11 1.76 4.25
N ILE A 180 10.42 2.81 4.69
CA ILE A 180 10.65 3.37 6.01
C ILE A 180 9.41 3.19 6.87
N LYS A 181 9.63 3.07 8.18
CA LYS A 181 8.57 2.95 9.17
C LYS A 181 8.54 4.24 9.99
N ASN A 182 7.36 4.88 10.06
CA ASN A 182 7.17 6.13 10.77
C ASN A 182 6.55 5.86 12.13
N SER A 183 6.38 6.93 12.91
CA SER A 183 5.82 6.86 14.26
C SER A 183 4.63 7.80 14.40
N TRP A 184 3.92 8.04 13.30
CA TRP A 184 2.78 8.94 13.27
C TRP A 184 1.46 8.17 13.21
N GLY A 185 1.49 6.89 13.57
CA GLY A 185 0.29 6.08 13.57
C GLY A 185 0.06 5.38 12.24
N GLU A 186 -0.85 4.41 12.26
CA GLU A 186 -1.22 3.69 11.04
C GLU A 186 -2.08 4.52 10.08
N SER A 187 -2.73 5.58 10.59
CA SER A 187 -3.50 6.50 9.75
C SER A 187 -2.63 7.40 8.88
N TRP A 188 -1.34 7.54 9.20
CA TRP A 188 -0.42 8.23 8.31
C TRP A 188 0.19 7.24 7.33
N GLY A 189 0.42 7.70 6.11
CA GLY A 189 1.09 7.00 5.05
C GLY A 189 0.31 5.77 4.63
N ASN A 190 1.07 4.78 4.20
CA ASN A 190 0.52 3.49 3.81
C ASN A 190 0.51 2.57 5.02
N LYS A 191 -0.46 2.82 5.90
CA LYS A 191 -0.56 2.10 7.17
C LYS A 191 0.70 2.28 8.01
N GLY A 192 1.16 3.53 8.10
CA GLY A 192 2.33 3.87 8.88
C GLY A 192 3.64 3.86 8.13
N TYR A 193 3.68 3.25 6.94
CA TYR A 193 4.89 3.11 6.15
C TYR A 193 4.92 4.08 4.97
N ALA A 194 6.12 4.27 4.41
CA ALA A 194 6.28 5.06 3.19
C ALA A 194 7.43 4.51 2.36
N LEU A 195 7.33 4.69 1.04
CA LEU A 195 8.43 4.47 0.12
C LEU A 195 9.11 5.81 -0.17
N LEU A 196 10.45 5.82 -0.14
CA LEU A 196 11.23 7.04 -0.39
C LEU A 196 12.10 6.83 -1.61
N ALA A 197 12.24 7.88 -2.43
CA ALA A 197 13.12 7.82 -3.60
C ALA A 197 14.52 7.39 -3.21
N ARG A 198 15.05 6.39 -3.93
CA ARG A 198 16.40 5.84 -3.71
C ARG A 198 17.25 6.02 -4.96
N ASN A 199 18.52 6.41 -4.75
CA ASN A 199 19.50 6.69 -5.79
C ASN A 199 19.11 7.92 -6.60
N LYS A 200 18.12 8.66 -6.13
CA LYS A 200 17.82 10.01 -6.64
C LYS A 200 18.56 11.04 -5.81
N ASN A 201 19.87 10.86 -5.67
CA ASN A 201 20.77 11.90 -5.16
C ASN A 201 20.48 12.22 -3.69
N ASN A 202 20.34 11.18 -2.86
CA ASN A 202 20.21 11.34 -1.41
C ASN A 202 18.98 12.16 -1.05
N ALA A 203 17.87 11.91 -1.76
CA ALA A 203 16.65 12.69 -1.57
C ALA A 203 16.24 12.73 -0.11
N CYS A 204 15.85 13.91 0.36
CA CYS A 204 15.48 14.14 1.75
C CYS A 204 16.61 13.84 2.72
N GLY A 205 17.85 13.68 2.22
CA GLY A 205 19.04 13.58 3.04
C GLY A 205 19.02 12.42 4.01
N ILE A 206 18.78 11.23 3.48
CA ILE A 206 18.45 10.06 4.29
C ILE A 206 19.70 9.42 4.89
N THR A 207 20.83 9.57 4.21
CA THR A 207 22.11 9.08 4.69
C THR A 207 22.89 10.14 5.46
N ASN A 208 22.21 11.14 6.01
CA ASN A 208 22.91 12.15 6.79
C ASN A 208 23.18 11.71 8.21
N MET A 209 22.24 10.98 8.81
CA MET A 209 22.41 10.52 10.19
C MET A 209 21.98 9.08 10.34
N ALA A 210 22.46 8.23 9.43
CA ALA A 210 22.10 6.82 9.48
C ALA A 210 23.03 6.16 10.49
N SER A 211 22.49 5.17 11.20
CA SER A 211 23.22 4.46 12.24
C SER A 211 22.46 3.20 12.61
N PHE A 212 23.16 2.26 13.24
CA PHE A 212 22.58 1.04 13.77
C PHE A 212 23.36 0.58 14.99
N PRO A 213 22.73 -0.08 15.95
CA PRO A 213 23.45 -0.60 17.12
C PRO A 213 24.19 -1.91 16.85
N LYS A 214 25.17 -2.18 17.71
CA LYS A 214 25.95 -3.42 17.66
C LYS A 214 25.42 -4.39 18.71
N MET A 215 25.26 -5.66 18.30
CA MET A 215 24.82 -6.77 19.16
C MET A 215 25.53 -8.11 18.87
N VAL B 1 -21.77 -11.14 -33.60
CA VAL B 1 -21.00 -11.10 -32.36
C VAL B 1 -19.69 -11.84 -32.57
N PRO B 2 -18.58 -11.12 -32.40
CA PRO B 2 -17.27 -11.69 -32.72
C PRO B 2 -16.91 -12.86 -31.81
N ASP B 3 -16.14 -13.81 -32.38
CA ASP B 3 -15.57 -14.88 -31.56
C ASP B 3 -14.54 -14.35 -30.57
N SER B 4 -14.08 -13.11 -30.75
CA SER B 4 -13.04 -12.54 -29.90
C SER B 4 -13.19 -11.03 -29.84
N ILE B 5 -12.87 -10.47 -28.68
CA ILE B 5 -12.78 -9.02 -28.53
C ILE B 5 -11.83 -8.70 -27.36
N ASP B 6 -11.30 -7.48 -27.38
CA ASP B 6 -10.25 -7.08 -26.44
C ASP B 6 -10.25 -5.55 -26.42
N TYR B 7 -11.00 -4.97 -25.47
CA TYR B 7 -11.16 -3.53 -25.49
C TYR B 7 -9.88 -2.79 -25.12
N ARG B 8 -8.87 -3.48 -24.57
CA ARG B 8 -7.55 -2.88 -24.45
C ARG B 8 -7.04 -2.39 -25.81
N LYS B 9 -7.38 -3.11 -26.89
CA LYS B 9 -6.94 -2.72 -28.21
C LYS B 9 -7.78 -1.60 -28.81
N LYS B 10 -9.01 -1.41 -28.32
CA LYS B 10 -9.89 -0.38 -28.83
C LYS B 10 -9.86 0.89 -27.98
N GLY B 11 -8.95 0.97 -27.02
CA GLY B 11 -8.76 2.19 -26.25
C GLY B 11 -9.74 2.42 -25.12
N TYR B 12 -10.37 1.37 -24.61
CA TYR B 12 -11.42 1.51 -23.60
C TYR B 12 -10.91 1.33 -22.18
N VAL B 13 -9.63 1.05 -22.01
CA VAL B 13 -9.11 0.58 -20.72
C VAL B 13 -7.95 1.45 -20.26
N THR B 14 -8.00 1.87 -19.01
CA THR B 14 -6.96 2.69 -18.40
C THR B 14 -5.82 1.80 -17.93
N PRO B 15 -4.68 2.42 -17.58
CA PRO B 15 -3.58 1.63 -17.02
C PRO B 15 -3.96 0.89 -15.74
N VAL B 16 -3.23 -0.20 -15.50
CA VAL B 16 -3.46 -1.04 -14.33
C VAL B 16 -2.99 -0.38 -13.04
N LYS B 17 -3.87 -0.33 -12.05
CA LYS B 17 -3.55 0.30 -10.76
C LYS B 17 -3.17 -0.70 -9.67
N ASN B 18 -3.12 -0.21 -8.42
CA ASN B 18 -2.76 -1.06 -7.29
C ASN B 18 -3.56 -0.55 -6.10
N GLN B 19 -4.56 -1.32 -5.71
CA GLN B 19 -5.45 -0.95 -4.61
C GLN B 19 -4.77 -0.99 -3.23
N GLY B 20 -3.52 -1.45 -3.16
CA GLY B 20 -2.87 -1.49 -1.88
C GLY B 20 -3.50 -2.42 -0.84
N GLN B 21 -3.20 -2.13 0.42
CA GLN B 21 -3.75 -2.90 1.54
C GLN B 21 -5.16 -2.43 1.89
N CYS B 22 -5.97 -2.23 0.85
CA CYS B 22 -7.35 -1.80 1.00
C CYS B 22 -8.27 -2.62 0.10
N GLY B 23 -9.51 -2.80 0.54
CA GLY B 23 -10.50 -3.56 -0.20
C GLY B 23 -11.37 -2.69 -1.08
N SER B 24 -10.74 -1.98 -2.00
CA SER B 24 -11.42 -1.12 -2.96
C SER B 24 -11.51 -1.75 -4.34
N CYS B 25 -11.42 -3.09 -4.43
CA CYS B 25 -11.50 -3.74 -5.74
C CYS B 25 -12.77 -3.32 -6.45
N TRP B 26 -13.87 -3.22 -5.70
CA TRP B 26 -15.13 -2.77 -6.26
C TRP B 26 -15.05 -1.34 -6.81
N ALA B 27 -14.28 -0.47 -6.18
CA ALA B 27 -14.17 0.89 -6.71
C ALA B 27 -13.42 0.92 -8.04
N PHE B 28 -12.39 0.10 -8.18
CA PHE B 28 -11.67 0.07 -9.46
C PHE B 28 -12.49 -0.61 -10.51
N SER B 29 -13.29 -1.60 -10.12
CA SER B 29 -14.17 -2.27 -11.07
C SER B 29 -15.25 -1.31 -11.57
N SER B 30 -15.92 -0.61 -10.65
CA SER B 30 -16.91 0.39 -11.04
C SER B 30 -16.30 1.43 -11.98
N ALA B 31 -15.26 2.11 -11.51
CA ALA B 31 -14.65 3.19 -12.27
C ALA B 31 -14.13 2.72 -13.62
N GLY B 32 -13.72 1.47 -13.73
CA GLY B 32 -13.27 0.95 -15.01
C GLY B 32 -14.40 0.71 -15.99
N ALA B 33 -15.56 0.29 -15.50
CA ALA B 33 -16.69 0.08 -16.40
C ALA B 33 -17.26 1.42 -16.86
N LEU B 34 -17.34 2.39 -15.95
CA LEU B 34 -17.65 3.76 -16.35
C LEU B 34 -16.61 4.30 -17.31
N GLU B 35 -15.33 4.02 -17.05
CA GLU B 35 -14.28 4.45 -17.97
C GLU B 35 -14.52 3.90 -19.35
N GLY B 36 -14.97 2.70 -19.42
CA GLY B 36 -15.25 2.06 -20.68
C GLY B 36 -16.43 2.55 -21.43
N GLN B 37 -17.49 2.90 -20.73
CA GLN B 37 -18.68 3.40 -21.34
C GLN B 37 -18.46 4.82 -21.76
N LEU B 38 -17.67 5.56 -21.03
CA LEU B 38 -17.36 6.92 -21.37
C LEU B 38 -16.70 6.94 -22.67
N LYS B 39 -15.73 6.07 -22.83
CA LYS B 39 -15.00 6.01 -24.05
C LYS B 39 -15.86 5.63 -25.20
N LYS B 40 -16.83 4.78 -25.01
CA LYS B 40 -17.71 4.39 -26.07
C LYS B 40 -18.62 5.49 -26.54
N LYS B 41 -19.09 6.29 -25.58
CA LYS B 41 -20.03 7.37 -25.88
C LYS B 41 -19.39 8.71 -26.24
N THR B 42 -18.21 9.00 -25.70
CA THR B 42 -17.61 10.29 -26.03
C THR B 42 -16.42 10.19 -26.95
N GLY B 43 -15.84 9.00 -27.09
CA GLY B 43 -14.66 8.84 -27.91
C GLY B 43 -13.36 9.18 -27.23
N LYS B 44 -13.40 9.67 -25.97
CA LYS B 44 -12.19 10.02 -25.24
C LYS B 44 -12.07 9.20 -23.96
N LEU B 45 -10.93 8.55 -23.77
CA LEU B 45 -10.64 7.78 -22.56
C LEU B 45 -10.03 8.68 -21.50
N LEU B 46 -10.67 8.75 -20.34
CA LEU B 46 -10.26 9.60 -19.24
C LEU B 46 -10.33 8.79 -17.94
N ALA B 47 -9.29 8.84 -17.11
CA ALA B 47 -9.27 8.01 -15.90
C ALA B 47 -10.17 8.60 -14.83
N LEU B 48 -11.11 7.79 -14.32
CA LEU B 48 -12.04 8.23 -13.30
C LEU B 48 -11.54 7.86 -11.91
N SER B 49 -12.26 8.32 -10.88
CA SER B 49 -11.79 8.28 -9.50
C SER B 49 -12.41 7.13 -8.68
N PRO B 50 -11.68 6.04 -8.45
CA PRO B 50 -12.14 5.07 -7.45
C PRO B 50 -12.16 5.66 -6.04
N GLN B 51 -11.25 6.59 -5.72
CA GLN B 51 -11.24 7.17 -4.37
C GLN B 51 -12.54 7.89 -4.03
N ASN B 52 -13.14 8.50 -5.05
CA ASN B 52 -14.42 9.17 -4.89
C ASN B 52 -15.44 8.11 -4.45
N LEU B 53 -15.47 6.98 -5.17
CA LEU B 53 -16.38 5.89 -4.81
C LEU B 53 -16.10 5.41 -3.40
N VAL B 54 -14.83 5.15 -3.06
CA VAL B 54 -14.53 4.66 -1.71
C VAL B 54 -15.09 5.61 -0.66
N ASP B 55 -14.87 6.88 -0.84
CA ASP B 55 -15.25 7.84 0.17
C ASP B 55 -16.66 8.20 0.28
N CYS B 56 -17.26 8.46 -0.86
CA CYS B 56 -18.62 8.93 -1.00
C CYS B 56 -19.79 7.99 -1.17
N VAL B 57 -19.59 6.75 -1.54
CA VAL B 57 -20.63 5.74 -1.63
C VAL B 57 -20.91 5.23 -0.22
N THR B 58 -21.87 5.83 0.46
CA THR B 58 -21.98 5.53 1.89
C THR B 58 -22.71 4.22 2.18
N GLU B 59 -23.31 3.55 1.19
CA GLU B 59 -23.91 2.24 1.44
C GLU B 59 -22.90 1.11 1.34
N ASN B 60 -21.72 1.38 0.81
CA ASN B 60 -20.62 0.43 0.86
C ASN B 60 -19.84 0.62 2.16
N TYR B 61 -18.62 0.11 2.23
CA TYR B 61 -17.79 0.25 3.42
C TYR B 61 -16.41 0.82 3.12
N GLY B 62 -16.23 1.47 1.98
CA GLY B 62 -14.94 2.06 1.70
C GLY B 62 -13.86 1.00 1.58
N CYS B 63 -12.74 1.20 2.28
CA CYS B 63 -11.68 0.18 2.21
C CYS B 63 -12.06 -1.13 2.91
N GLY B 64 -13.32 -1.23 3.32
CA GLY B 64 -13.84 -2.43 3.92
C GLY B 64 -14.58 -3.32 2.94
N GLY B 65 -14.78 -2.84 1.72
CA GLY B 65 -15.47 -3.60 0.68
C GLY B 65 -16.71 -2.90 0.17
N GLY B 66 -17.34 -3.53 -0.83
CA GLY B 66 -18.64 -3.07 -1.26
C GLY B 66 -19.08 -3.69 -2.58
N TYR B 67 -20.10 -3.08 -3.17
CA TYR B 67 -20.73 -3.54 -4.39
C TYR B 67 -20.47 -2.54 -5.52
N MET B 68 -20.32 -3.05 -6.75
CA MET B 68 -20.24 -2.17 -7.92
C MET B 68 -21.59 -1.52 -8.21
N THR B 69 -22.68 -2.26 -8.00
CA THR B 69 -24.01 -1.74 -8.32
C THR B 69 -24.36 -0.56 -7.42
N THR B 70 -23.99 -0.65 -6.14
CA THR B 70 -24.14 0.50 -5.25
C THR B 70 -23.34 1.69 -5.77
N ALA B 71 -22.13 1.42 -6.24
CA ALA B 71 -21.28 2.48 -6.76
C ALA B 71 -21.93 3.15 -7.96
N PHE B 72 -22.49 2.35 -8.87
CA PHE B 72 -23.12 2.91 -10.06
C PHE B 72 -24.31 3.78 -9.67
N GLN B 73 -25.06 3.37 -8.66
CA GLN B 73 -26.20 4.17 -8.25
C GLN B 73 -25.76 5.45 -7.57
N TYR B 74 -24.68 5.42 -6.80
CA TYR B 74 -24.12 6.66 -6.27
C TYR B 74 -23.90 7.66 -7.39
N VAL B 75 -23.17 7.26 -8.43
CA VAL B 75 -22.86 8.16 -9.53
C VAL B 75 -24.13 8.69 -10.18
N GLN B 76 -25.19 7.89 -10.18
CA GLN B 76 -26.48 8.35 -10.72
C GLN B 76 -27.10 9.38 -9.80
N GLN B 77 -27.44 9.00 -8.57
CA GLN B 77 -28.00 9.93 -7.60
C GLN B 77 -27.08 11.11 -7.29
N ASN B 78 -25.78 10.99 -7.53
CA ASN B 78 -24.90 12.10 -7.23
C ASN B 78 -24.72 13.03 -8.42
N GLY B 79 -25.09 12.60 -9.62
CA GLY B 79 -24.93 13.42 -10.79
C GLY B 79 -23.50 13.52 -11.30
N GLY B 80 -22.67 12.52 -11.06
CA GLY B 80 -21.33 12.54 -11.58
C GLY B 80 -20.32 11.91 -10.63
N ILE B 81 -19.16 11.57 -11.20
CA ILE B 81 -17.97 11.08 -10.52
C ILE B 81 -16.80 11.95 -10.97
N ASP B 82 -15.84 12.16 -10.07
CA ASP B 82 -14.69 12.98 -10.46
C ASP B 82 -13.68 12.15 -11.24
N SER B 83 -12.71 12.84 -11.83
CA SER B 83 -11.61 12.20 -12.51
C SER B 83 -10.56 11.71 -11.52
N GLU B 84 -9.79 10.69 -11.91
CA GLU B 84 -8.67 10.29 -11.05
C GLU B 84 -7.72 11.46 -10.86
N ASP B 85 -7.65 12.35 -11.86
CA ASP B 85 -6.75 13.48 -11.81
C ASP B 85 -7.08 14.39 -10.63
N ALA B 86 -8.32 14.83 -10.56
CA ALA B 86 -8.70 15.79 -9.53
C ALA B 86 -8.75 15.14 -8.17
N TYR B 87 -8.97 13.84 -8.12
CA TYR B 87 -9.34 13.13 -6.91
C TYR B 87 -8.51 11.85 -6.88
N PRO B 88 -7.22 11.91 -6.56
CA PRO B 88 -6.34 10.71 -6.62
C PRO B 88 -6.60 9.50 -5.66
N TYR B 89 -6.01 8.38 -5.92
CA TYR B 89 -6.23 7.27 -5.08
C TYR B 89 -5.16 7.27 -4.03
N VAL B 90 -5.55 7.05 -2.80
CA VAL B 90 -4.59 7.09 -1.69
C VAL B 90 -4.46 5.73 -1.00
N GLY B 91 -5.54 4.97 -1.00
CA GLY B 91 -5.55 3.65 -0.38
C GLY B 91 -6.00 3.63 1.06
N GLN B 92 -6.35 4.79 1.60
CA GLN B 92 -6.80 4.88 2.98
C GLN B 92 -8.25 5.35 3.07
N ASP B 93 -8.87 5.13 4.22
CA ASP B 93 -10.25 5.57 4.43
C ASP B 93 -10.29 7.02 4.91
N GLU B 94 -10.96 7.87 4.15
CA GLU B 94 -11.08 9.28 4.50
C GLU B 94 -12.50 9.80 4.28
N SER B 95 -12.72 11.07 4.60
CA SER B 95 -14.03 11.68 4.43
C SER B 95 -14.35 11.95 2.96
N CYS B 96 -15.61 12.26 2.67
CA CYS B 96 -16.00 12.58 1.30
C CYS B 96 -15.33 13.89 0.91
N MET B 97 -15.09 14.08 -0.38
CA MET B 97 -14.44 15.29 -0.88
C MET B 97 -14.86 15.60 -2.31
N TYR B 98 -15.92 14.93 -2.77
CA TYR B 98 -16.44 15.13 -4.11
C TYR B 98 -16.52 16.62 -4.43
N ASN B 99 -15.83 17.03 -5.50
CA ASN B 99 -15.92 18.37 -6.06
C ASN B 99 -16.71 18.31 -7.35
N ALA B 100 -17.84 19.01 -7.38
CA ALA B 100 -18.76 18.97 -8.52
C ALA B 100 -18.14 19.51 -9.81
N ALA B 101 -17.21 20.46 -9.73
CA ALA B 101 -16.59 20.99 -10.93
C ALA B 101 -15.52 20.08 -11.53
N ALA B 102 -15.08 19.06 -10.79
CA ALA B 102 -14.15 18.05 -11.30
C ALA B 102 -14.84 16.84 -11.90
N LYS B 103 -16.18 16.81 -11.84
CA LYS B 103 -17.07 15.94 -12.59
C LYS B 103 -16.50 15.57 -13.95
N ALA B 104 -16.28 14.27 -14.17
CA ALA B 104 -15.70 13.78 -15.41
C ALA B 104 -16.58 12.81 -16.19
N ALA B 105 -17.67 12.31 -15.60
CA ALA B 105 -18.53 11.34 -16.25
C ALA B 105 -19.82 11.23 -15.46
N LYS B 106 -20.89 10.84 -16.14
CA LYS B 106 -22.16 10.68 -15.47
C LYS B 106 -22.68 9.27 -15.65
N CYS B 107 -23.84 9.01 -15.05
CA CYS B 107 -24.42 7.67 -15.09
C CYS B 107 -25.93 7.76 -14.96
N ARG B 108 -26.63 6.99 -15.77
CA ARG B 108 -28.07 6.96 -15.62
C ARG B 108 -28.56 5.58 -15.21
N GLY B 109 -28.07 5.06 -14.09
CA GLY B 109 -28.50 3.75 -13.60
C GLY B 109 -27.56 2.64 -14.02
N TYR B 110 -28.06 1.41 -13.90
CA TYR B 110 -27.24 0.25 -14.21
C TYR B 110 -28.13 -0.94 -14.59
N ARG B 111 -27.46 -2.00 -15.03
CA ARG B 111 -28.08 -3.27 -15.36
C ARG B 111 -27.24 -4.39 -14.79
N GLU B 112 -27.89 -5.45 -14.32
CA GLU B 112 -27.19 -6.60 -13.79
C GLU B 112 -27.31 -7.74 -14.78
N ILE B 113 -26.34 -8.63 -14.76
CA ILE B 113 -26.34 -9.78 -15.66
C ILE B 113 -27.08 -10.92 -14.98
N PRO B 114 -27.96 -11.65 -15.72
CA PRO B 114 -28.56 -12.89 -15.20
C PRO B 114 -27.53 -13.78 -14.54
N VAL B 115 -27.76 -14.18 -13.28
CA VAL B 115 -26.73 -14.93 -12.56
C VAL B 115 -26.55 -16.31 -13.18
N GLY B 116 -25.31 -16.73 -13.31
CA GLY B 116 -25.01 -18.01 -13.91
C GLY B 116 -24.93 -18.03 -15.41
N ASN B 117 -25.42 -17.00 -16.12
CA ASN B 117 -25.56 -17.01 -17.58
C ASN B 117 -24.29 -16.50 -18.26
N GLU B 118 -23.34 -17.42 -18.55
CA GLU B 118 -22.11 -16.99 -19.20
C GLU B 118 -22.36 -16.46 -20.61
N LYS B 119 -23.42 -16.92 -21.28
CA LYS B 119 -23.74 -16.44 -22.62
C LYS B 119 -24.25 -15.00 -22.62
N ALA B 120 -25.11 -14.66 -21.65
CA ALA B 120 -25.53 -13.28 -21.50
C ALA B 120 -24.35 -12.36 -21.25
N LEU B 121 -23.38 -12.81 -20.44
CA LEU B 121 -22.17 -12.03 -20.22
C LEU B 121 -21.41 -11.81 -21.53
N LYS B 122 -21.22 -12.86 -22.33
CA LYS B 122 -20.47 -12.71 -23.57
C LYS B 122 -21.11 -11.66 -24.47
N ARG B 123 -22.43 -11.73 -24.67
CA ARG B 123 -23.08 -10.74 -25.50
C ARG B 123 -22.98 -9.36 -24.88
N ALA B 124 -23.04 -9.27 -23.55
CA ALA B 124 -22.90 -7.96 -22.89
C ALA B 124 -21.54 -7.32 -23.18
N VAL B 125 -20.47 -8.12 -23.13
CA VAL B 125 -19.13 -7.61 -23.42
C VAL B 125 -19.00 -7.26 -24.89
N ALA B 126 -19.59 -8.07 -25.77
CA ALA B 126 -19.66 -7.73 -27.18
C ALA B 126 -20.38 -6.41 -27.39
N ARG B 127 -21.59 -6.27 -26.85
CA ARG B 127 -22.43 -5.11 -27.15
C ARG B 127 -22.12 -3.89 -26.28
N VAL B 128 -21.88 -4.05 -24.98
CA VAL B 128 -21.70 -2.88 -24.12
C VAL B 128 -20.24 -2.49 -23.98
N GLY B 129 -19.36 -3.44 -23.65
CA GLY B 129 -17.99 -3.13 -23.31
C GLY B 129 -17.63 -3.72 -21.97
N PRO B 130 -16.55 -3.23 -21.35
CA PRO B 130 -16.04 -3.86 -20.12
C PRO B 130 -17.09 -3.96 -19.01
N ILE B 131 -17.18 -5.13 -18.39
CA ILE B 131 -18.22 -5.42 -17.40
C ILE B 131 -17.59 -5.61 -16.03
N SER B 132 -18.22 -5.04 -15.00
CA SER B 132 -17.82 -5.23 -13.62
C SER B 132 -18.32 -6.58 -13.14
N VAL B 133 -17.40 -7.45 -12.74
CA VAL B 133 -17.75 -8.77 -12.25
C VAL B 133 -16.99 -9.01 -10.96
N SER B 134 -17.41 -10.04 -10.25
CA SER B 134 -16.79 -10.33 -8.97
C SER B 134 -16.56 -11.83 -8.88
N ILE B 135 -15.35 -12.23 -8.46
CA ILE B 135 -14.91 -13.60 -8.53
C ILE B 135 -14.35 -14.02 -7.19
N ASP B 136 -13.95 -15.28 -7.13
CA ASP B 136 -13.22 -15.87 -6.01
C ASP B 136 -11.74 -15.68 -6.31
N ALA B 137 -11.03 -14.93 -5.46
CA ALA B 137 -9.60 -14.75 -5.64
C ALA B 137 -8.78 -15.39 -4.52
N SER B 138 -9.43 -16.13 -3.63
CA SER B 138 -8.79 -16.57 -2.40
C SER B 138 -7.71 -17.63 -2.60
N LEU B 139 -7.80 -18.44 -3.65
CA LEU B 139 -6.84 -19.53 -3.82
C LEU B 139 -5.44 -19.01 -4.12
N ALA B 140 -4.44 -19.74 -3.64
CA ALA B 140 -3.05 -19.39 -3.90
C ALA B 140 -2.75 -19.45 -5.39
N SER B 141 -3.43 -20.32 -6.13
CA SER B 141 -3.17 -20.48 -7.55
C SER B 141 -3.48 -19.20 -8.33
N PHE B 142 -4.47 -18.41 -7.86
CA PHE B 142 -4.84 -17.14 -8.45
C PHE B 142 -3.92 -16.01 -8.01
N GLN B 143 -3.56 -15.95 -6.73
CA GLN B 143 -2.67 -14.90 -6.25
C GLN B 143 -1.36 -14.92 -6.99
N PHE B 144 -0.92 -16.11 -7.40
CA PHE B 144 0.33 -16.29 -8.12
C PHE B 144 0.09 -16.75 -9.54
N TYR B 145 -1.02 -16.30 -10.12
CA TYR B 145 -1.24 -16.45 -11.55
C TYR B 145 -0.18 -15.67 -12.29
N SER B 146 0.21 -16.22 -13.44
CA SER B 146 1.31 -15.67 -14.24
C SER B 146 0.98 -15.65 -15.72
N ARG B 147 0.66 -16.81 -16.30
CA ARG B 147 0.32 -16.94 -17.72
C ARG B 147 -0.74 -18.03 -17.84
N GLY B 148 -1.34 -18.14 -19.03
CA GLY B 148 -2.31 -19.19 -19.30
C GLY B 148 -3.74 -18.85 -18.91
N VAL B 149 -4.65 -19.76 -19.26
CA VAL B 149 -6.06 -19.64 -18.91
C VAL B 149 -6.27 -20.28 -17.55
N TYR B 150 -6.73 -19.50 -16.58
CA TYR B 150 -6.77 -19.93 -15.20
C TYR B 150 -8.00 -20.79 -14.92
N TYR B 151 -7.79 -21.92 -14.27
CA TYR B 151 -8.89 -22.76 -13.80
C TYR B 151 -8.42 -23.60 -12.61
N ASP B 152 -9.28 -23.70 -11.60
CA ASP B 152 -8.94 -24.34 -10.33
C ASP B 152 -10.26 -24.82 -9.72
N GLU B 153 -10.52 -26.12 -9.83
CA GLU B 153 -11.78 -26.72 -9.38
C GLU B 153 -12.16 -26.38 -7.93
N ASN B 154 -11.21 -25.94 -7.11
CA ASN B 154 -11.54 -25.56 -5.75
C ASN B 154 -12.05 -24.12 -5.66
N CYS B 155 -12.04 -23.41 -6.78
CA CYS B 155 -12.63 -22.08 -6.82
C CYS B 155 -14.11 -22.15 -6.47
N ASP B 156 -14.57 -21.24 -5.60
CA ASP B 156 -15.94 -21.28 -5.12
C ASP B 156 -16.86 -20.59 -6.12
N ARG B 157 -17.64 -21.39 -6.84
CA ARG B 157 -18.61 -20.91 -7.82
C ARG B 157 -19.86 -20.33 -7.18
N ASP B 158 -19.99 -20.46 -5.86
CA ASP B 158 -21.17 -19.97 -5.15
C ASP B 158 -20.88 -18.76 -4.28
N ASN B 159 -19.71 -18.68 -3.68
CA ASN B 159 -19.34 -17.50 -2.90
C ASN B 159 -18.19 -16.76 -3.58
N VAL B 160 -18.32 -15.43 -3.65
CA VAL B 160 -17.46 -14.56 -4.44
C VAL B 160 -16.93 -13.46 -3.54
N ASN B 161 -15.74 -12.94 -3.85
CA ASN B 161 -15.12 -12.06 -2.87
C ASN B 161 -14.19 -10.97 -3.40
N HIS B 162 -13.99 -10.89 -4.72
CA HIS B 162 -13.08 -9.91 -5.31
C HIS B 162 -13.65 -9.39 -6.62
N ALA B 163 -13.57 -8.08 -6.83
CA ALA B 163 -14.15 -7.46 -8.03
C ALA B 163 -13.06 -7.16 -9.04
N VAL B 164 -13.29 -7.56 -10.28
CA VAL B 164 -12.41 -7.25 -11.39
C VAL B 164 -13.27 -6.74 -12.54
N LEU B 165 -12.65 -6.54 -13.71
CA LEU B 165 -13.30 -5.98 -14.89
C LEU B 165 -13.01 -6.86 -16.10
N VAL B 166 -14.06 -7.40 -16.73
CA VAL B 166 -13.97 -8.15 -17.98
C VAL B 166 -13.75 -7.17 -19.11
N VAL B 167 -12.55 -7.16 -19.69
CA VAL B 167 -12.27 -6.27 -20.81
C VAL B 167 -12.27 -6.98 -22.14
N GLY B 168 -12.70 -8.24 -22.17
CA GLY B 168 -12.66 -8.98 -23.42
C GLY B 168 -12.93 -10.46 -23.19
N TYR B 169 -12.92 -11.21 -24.30
CA TYR B 169 -13.01 -12.66 -24.26
C TYR B 169 -12.40 -13.19 -25.55
N GLY B 170 -11.97 -14.46 -25.49
CA GLY B 170 -11.35 -15.10 -26.63
C GLY B 170 -11.08 -16.56 -26.41
N THR B 171 -10.01 -17.06 -27.04
CA THR B 171 -9.54 -18.43 -26.86
C THR B 171 -8.02 -18.45 -26.94
N GLN B 172 -7.40 -19.24 -26.08
CA GLN B 172 -5.96 -19.46 -26.12
C GLN B 172 -5.70 -20.96 -26.06
N LYS B 173 -5.20 -21.52 -27.16
CA LYS B 173 -4.99 -22.96 -27.31
C LYS B 173 -6.25 -23.72 -26.88
N GLY B 174 -7.31 -23.48 -27.65
CA GLY B 174 -8.56 -24.17 -27.48
C GLY B 174 -9.20 -24.10 -26.11
N SER B 175 -8.69 -23.24 -25.23
CA SER B 175 -9.30 -23.01 -23.91
C SER B 175 -9.94 -21.63 -23.94
N LYS B 176 -11.26 -21.58 -23.93
CA LYS B 176 -11.96 -20.30 -23.98
C LYS B 176 -11.69 -19.52 -22.69
N HIS B 177 -11.58 -18.20 -22.82
CA HIS B 177 -11.24 -17.40 -21.64
C HIS B 177 -11.96 -16.06 -21.63
N TRP B 178 -12.03 -15.49 -20.43
CA TRP B 178 -12.37 -14.10 -20.19
C TRP B 178 -11.08 -13.34 -19.96
N ILE B 179 -10.99 -12.13 -20.52
CA ILE B 179 -9.86 -11.24 -20.25
C ILE B 179 -10.27 -10.32 -19.12
N ILE B 180 -9.65 -10.48 -17.95
CA ILE B 180 -9.96 -9.61 -16.81
C ILE B 180 -8.79 -8.66 -16.52
N LYS B 181 -9.12 -7.52 -15.92
CA LYS B 181 -8.17 -6.52 -15.45
C LYS B 181 -8.31 -6.43 -13.93
N ASN B 182 -7.21 -6.64 -13.22
CA ASN B 182 -7.28 -6.63 -11.77
C ASN B 182 -6.80 -5.27 -11.25
N SER B 183 -6.73 -5.13 -9.93
CA SER B 183 -6.18 -3.94 -9.29
C SER B 183 -5.09 -4.32 -8.29
N TRP B 184 -4.18 -5.20 -8.71
CA TRP B 184 -3.07 -5.64 -7.88
C TRP B 184 -1.74 -5.20 -8.49
N GLY B 185 -1.79 -4.16 -9.34
CA GLY B 185 -0.60 -3.64 -9.98
C GLY B 185 -0.20 -4.47 -11.19
N GLU B 186 0.73 -3.90 -11.96
CA GLU B 186 1.29 -4.62 -13.10
C GLU B 186 2.11 -5.84 -12.67
N SER B 187 2.76 -5.76 -11.51
CA SER B 187 3.59 -6.88 -11.08
C SER B 187 2.80 -8.18 -10.95
N TRP B 188 1.50 -8.08 -10.67
CA TRP B 188 0.66 -9.27 -10.59
C TRP B 188 0.23 -9.70 -11.98
N GLY B 189 0.14 -11.01 -12.19
CA GLY B 189 -0.38 -11.62 -13.38
C GLY B 189 0.45 -11.35 -14.61
N ASN B 190 -0.22 -11.38 -15.75
CA ASN B 190 0.36 -10.97 -17.04
C ASN B 190 0.15 -9.47 -17.20
N LYS B 191 1.08 -8.69 -16.61
CA LYS B 191 1.06 -7.23 -16.72
C LYS B 191 -0.20 -6.63 -16.09
N GLY B 192 -0.71 -7.26 -15.03
CA GLY B 192 -1.89 -6.81 -14.32
C GLY B 192 -3.17 -7.50 -14.74
N TYR B 193 -3.15 -8.16 -15.90
CA TYR B 193 -4.31 -8.85 -16.47
C TYR B 193 -4.22 -10.36 -16.25
N ALA B 194 -5.36 -11.02 -16.44
CA ALA B 194 -5.39 -12.48 -16.41
C ALA B 194 -6.40 -13.00 -17.42
N LEU B 195 -6.24 -14.27 -17.78
CA LEU B 195 -7.19 -15.00 -18.60
C LEU B 195 -7.89 -16.05 -17.74
N LEU B 196 -9.22 -15.98 -17.67
CA LEU B 196 -10.05 -16.83 -16.81
C LEU B 196 -10.86 -17.79 -17.66
N ALA B 197 -10.90 -19.06 -17.25
CA ALA B 197 -11.66 -20.09 -17.98
C ALA B 197 -13.08 -19.64 -18.27
N ARG B 198 -13.45 -19.63 -19.55
CA ARG B 198 -14.79 -19.27 -19.99
C ARG B 198 -15.54 -20.54 -20.36
N ASN B 199 -16.87 -20.49 -20.24
CA ASN B 199 -17.74 -21.63 -20.55
C ASN B 199 -17.28 -22.90 -19.85
N LYS B 200 -17.03 -22.81 -18.55
CA LYS B 200 -16.62 -23.96 -17.78
C LYS B 200 -17.37 -23.94 -16.45
N ASN B 201 -18.70 -24.02 -16.54
CA ASN B 201 -19.58 -24.09 -15.37
C ASN B 201 -19.38 -22.90 -14.46
N ASN B 202 -19.35 -21.71 -15.05
CA ASN B 202 -19.35 -20.49 -14.27
C ASN B 202 -18.10 -20.42 -13.40
N ALA B 203 -16.95 -20.72 -14.00
CA ALA B 203 -15.69 -20.75 -13.27
C ALA B 203 -15.53 -19.53 -12.37
N CYS B 204 -15.21 -19.80 -11.09
CA CYS B 204 -14.96 -18.79 -10.08
C CYS B 204 -16.13 -17.82 -9.92
N GLY B 205 -17.33 -18.25 -10.29
CA GLY B 205 -18.54 -17.48 -10.08
C GLY B 205 -18.54 -16.12 -10.76
N ILE B 206 -17.95 -16.04 -11.95
CA ILE B 206 -17.72 -14.78 -12.65
C ILE B 206 -19.02 -14.07 -13.03
N THR B 207 -20.13 -14.80 -13.14
CA THR B 207 -21.43 -14.21 -13.47
C THR B 207 -22.35 -14.10 -12.27
N ASN B 208 -21.80 -14.02 -11.06
CA ASN B 208 -22.63 -13.96 -9.87
C ASN B 208 -23.00 -12.53 -9.50
N MET B 209 -22.07 -11.59 -9.63
CA MET B 209 -22.36 -10.17 -9.43
C MET B 209 -21.85 -9.33 -10.60
N ALA B 210 -22.24 -9.67 -11.83
CA ALA B 210 -21.84 -8.88 -12.97
C ALA B 210 -22.82 -7.73 -13.18
N SER B 211 -22.30 -6.56 -13.53
CA SER B 211 -23.16 -5.42 -13.90
C SER B 211 -22.33 -4.44 -14.72
N PHE B 212 -23.03 -3.48 -15.32
CA PHE B 212 -22.40 -2.39 -16.06
C PHE B 212 -23.22 -1.12 -15.92
N PRO B 213 -22.61 0.06 -16.11
CA PRO B 213 -23.35 1.32 -16.03
C PRO B 213 -24.12 1.63 -17.31
N LYS B 214 -25.05 2.57 -17.20
CA LYS B 214 -25.78 3.12 -18.36
C LYS B 214 -25.29 4.54 -18.64
N MET B 215 -25.05 4.85 -19.93
CA MET B 215 -24.60 6.20 -20.33
C MET B 215 -25.26 6.84 -21.59
#